data_1XZ8
#
_entry.id   1XZ8
#
_cell.length_a   128.540
_cell.length_b   128.540
_cell.length_c   128.760
_cell.angle_alpha   90.00
_cell.angle_beta   90.00
_cell.angle_gamma   120.00
#
_symmetry.space_group_name_H-M   'H 3 2'
#
loop_
_entity.id
_entity.type
_entity.pdbx_description
1 polymer 'PyrR bifunctional protein'
2 non-polymer 'MAGNESIUM ION'
3 non-polymer "GUANOSINE-5'-MONOPHOSPHATE"
4 non-polymer "GUANOSINE-3'-MONOPHOSPHATE"
5 non-polymer "URIDINE-5'-MONOPHOSPHATE"
6 water water
#
_entity_poly.entity_id   1
_entity_poly.type   'polypeptide(L)'
_entity_poly.pdbx_seq_one_letter_code
;MQKAVVMDEQAIRRALTRIAHEIIERNKGIDGCVLVGIKTRGIYLARRLAERIEQIEGASVPVGELDITLYRDDLTVKTD
DHEPLVKGTNVPFPVTERNVILVDDVLFTGRTVRAAMDAVMDLGRPARIQLAVLVDRGHRELPIRADFVGKNVPTSRSEL
IVVELSEVDGIDQVSIHEK
;
_entity_poly.pdbx_strand_id   A,B
#
# COMPACT_ATOMS: atom_id res chain seq x y z
N MET A 1 7.54 28.38 -9.70
CA MET A 1 8.93 28.90 -9.82
C MET A 1 9.90 27.91 -9.20
N GLN A 2 10.50 27.08 -10.06
CA GLN A 2 11.46 26.09 -9.61
C GLN A 2 12.18 26.51 -8.34
N LYS A 3 11.78 25.92 -7.22
CA LYS A 3 12.39 26.23 -5.92
C LYS A 3 13.83 25.74 -5.82
N ALA A 4 14.02 24.44 -6.01
CA ALA A 4 15.35 23.86 -5.92
C ALA A 4 15.45 22.52 -6.65
N VAL A 5 16.65 22.24 -7.13
CA VAL A 5 16.90 20.98 -7.81
C VAL A 5 17.17 19.98 -6.70
N VAL A 6 16.35 18.94 -6.61
CA VAL A 6 16.55 17.94 -5.57
C VAL A 6 17.44 16.80 -6.02
N MET A 7 17.36 16.44 -7.30
CA MET A 7 18.19 15.37 -7.84
C MET A 7 18.82 15.76 -9.18
N ASP A 8 20.13 15.59 -9.29
CA ASP A 8 20.82 15.89 -10.54
C ASP A 8 21.05 14.58 -11.25
N GLU A 9 21.53 14.65 -12.48
CA GLU A 9 21.75 13.44 -13.26
C GLU A 9 22.47 12.38 -12.44
N GLN A 10 23.53 12.80 -11.77
CA GLN A 10 24.34 11.92 -10.97
C GLN A 10 23.50 11.16 -9.93
N ALA A 11 22.72 11.91 -9.15
CA ALA A 11 21.88 11.31 -8.13
C ALA A 11 20.91 10.33 -8.77
N ILE A 12 20.23 10.77 -9.82
CA ILE A 12 19.30 9.92 -10.53
C ILE A 12 19.98 8.62 -10.92
N ARG A 13 21.25 8.73 -11.31
CA ARG A 13 22.04 7.59 -11.73
C ARG A 13 22.23 6.62 -10.56
N ARG A 14 22.81 7.13 -9.48
CA ARG A 14 23.08 6.34 -8.29
C ARG A 14 21.81 5.69 -7.73
N ALA A 15 20.73 6.45 -7.68
CA ALA A 15 19.47 5.92 -7.18
C ALA A 15 18.98 4.76 -8.06
N LEU A 16 18.90 5.00 -9.36
CA LEU A 16 18.48 3.98 -10.30
C LEU A 16 19.31 2.71 -10.19
N THR A 17 20.61 2.86 -10.01
CA THR A 17 21.50 1.71 -9.90
C THR A 17 21.22 0.95 -8.61
N ARG A 18 21.11 1.67 -7.50
CA ARG A 18 20.83 1.04 -6.24
C ARG A 18 19.52 0.23 -6.34
N ILE A 19 18.48 0.85 -6.87
CA ILE A 19 17.17 0.21 -7.01
C ILE A 19 17.27 -1.08 -7.82
N ALA A 20 18.09 -1.07 -8.87
CA ALA A 20 18.26 -2.26 -9.69
C ALA A 20 18.79 -3.34 -8.78
N HIS A 21 19.80 -3.01 -7.99
CA HIS A 21 20.38 -3.96 -7.07
C HIS A 21 19.32 -4.44 -6.09
N GLU A 22 18.61 -3.49 -5.48
CA GLU A 22 17.54 -3.83 -4.55
C GLU A 22 16.63 -4.87 -5.19
N ILE A 23 16.03 -4.50 -6.32
CA ILE A 23 15.13 -5.39 -7.03
C ILE A 23 15.68 -6.82 -7.18
N ILE A 24 16.91 -6.95 -7.69
CA ILE A 24 17.51 -8.27 -7.87
C ILE A 24 17.57 -9.00 -6.53
N GLU A 25 18.07 -8.29 -5.53
CA GLU A 25 18.24 -8.83 -4.20
C GLU A 25 16.95 -9.25 -3.53
N ARG A 26 15.94 -8.40 -3.58
CA ARG A 26 14.71 -8.77 -2.93
C ARG A 26 13.98 -9.90 -3.62
N ASN A 27 14.38 -10.22 -4.85
CA ASN A 27 13.72 -11.31 -5.54
C ASN A 27 14.66 -12.48 -5.77
N LYS A 28 15.89 -12.35 -5.29
CA LYS A 28 16.88 -13.40 -5.41
C LYS A 28 17.03 -13.77 -6.86
N GLY A 29 17.34 -12.77 -7.69
CA GLY A 29 17.49 -13.02 -9.10
C GLY A 29 16.31 -12.34 -9.76
N ILE A 30 16.25 -12.36 -11.09
CA ILE A 30 15.15 -11.73 -11.78
C ILE A 30 14.24 -12.66 -12.57
N ASP A 31 14.35 -13.96 -12.35
CA ASP A 31 13.49 -14.90 -13.06
C ASP A 31 12.05 -14.66 -12.56
N GLY A 32 11.11 -14.60 -13.49
CA GLY A 32 9.74 -14.39 -13.11
C GLY A 32 9.44 -12.93 -12.87
N CYS A 33 10.47 -12.10 -13.00
CA CYS A 33 10.29 -10.68 -12.80
C CYS A 33 9.98 -9.93 -14.09
N VAL A 34 8.96 -9.08 -14.01
CA VAL A 34 8.55 -8.28 -15.16
C VAL A 34 8.49 -6.83 -14.69
N LEU A 35 9.05 -5.93 -15.48
CA LEU A 35 9.04 -4.51 -15.14
C LEU A 35 7.93 -3.83 -15.93
N VAL A 36 7.13 -3.00 -15.27
CA VAL A 36 6.05 -2.34 -15.96
C VAL A 36 6.01 -0.85 -15.71
N GLY A 37 6.10 -0.09 -16.79
CA GLY A 37 6.09 1.35 -16.69
C GLY A 37 4.68 1.91 -16.67
N ILE A 38 4.46 2.85 -15.75
CA ILE A 38 3.18 3.51 -15.58
C ILE A 38 3.35 4.84 -16.28
N LYS A 39 2.72 4.96 -17.44
CA LYS A 39 2.79 6.17 -18.26
C LYS A 39 4.17 6.41 -18.86
N THR A 40 4.31 7.50 -19.60
CA THR A 40 5.54 7.83 -20.29
C THR A 40 6.85 7.82 -19.50
N ARG A 41 6.94 8.64 -18.46
CA ARG A 41 8.16 8.70 -17.70
C ARG A 41 8.40 7.51 -16.79
N GLY A 42 7.42 6.62 -16.72
CA GLY A 42 7.59 5.44 -15.89
C GLY A 42 8.13 4.30 -16.72
N ILE A 43 7.80 4.34 -18.01
CA ILE A 43 8.24 3.33 -18.94
C ILE A 43 9.74 3.51 -19.17
N TYR A 44 10.17 4.76 -19.31
CA TYR A 44 11.59 5.03 -19.50
C TYR A 44 12.41 4.59 -18.31
N LEU A 45 11.95 4.89 -17.10
CA LEU A 45 12.66 4.47 -15.90
C LEU A 45 12.70 2.94 -15.89
N ALA A 46 11.55 2.33 -16.14
CA ALA A 46 11.46 0.88 -16.17
C ALA A 46 12.45 0.32 -17.20
N ARG A 47 12.56 0.98 -18.35
CA ARG A 47 13.49 0.54 -19.39
C ARG A 47 14.93 0.61 -18.89
N ARG A 48 15.29 1.71 -18.22
CA ARG A 48 16.64 1.87 -17.70
C ARG A 48 16.95 0.76 -16.70
N LEU A 49 16.00 0.52 -15.80
CA LEU A 49 16.17 -0.51 -14.79
C LEU A 49 16.50 -1.84 -15.44
N ALA A 50 15.67 -2.24 -16.39
CA ALA A 50 15.88 -3.49 -17.09
C ALA A 50 17.29 -3.49 -17.63
N GLU A 51 17.71 -2.36 -18.17
CA GLU A 51 19.04 -2.21 -18.73
C GLU A 51 20.08 -2.56 -17.65
N ARG A 52 19.99 -1.92 -16.49
CA ARG A 52 20.94 -2.19 -15.40
C ARG A 52 20.93 -3.66 -15.02
N ILE A 53 19.73 -4.16 -14.75
CA ILE A 53 19.59 -5.55 -14.38
C ILE A 53 20.32 -6.39 -15.44
N GLU A 54 19.97 -6.16 -16.70
CA GLU A 54 20.60 -6.85 -17.82
C GLU A 54 22.11 -6.79 -17.64
N GLN A 55 22.61 -5.64 -17.21
CA GLN A 55 24.03 -5.49 -17.03
C GLN A 55 24.60 -6.23 -15.82
N ILE A 56 23.93 -6.11 -14.68
CA ILE A 56 24.41 -6.76 -13.47
C ILE A 56 24.31 -8.29 -13.47
N GLU A 57 23.16 -8.82 -13.87
CA GLU A 57 22.93 -10.26 -13.88
C GLU A 57 23.22 -10.96 -15.19
N GLY A 58 23.39 -10.21 -16.27
CA GLY A 58 23.66 -10.82 -17.55
C GLY A 58 22.46 -11.51 -18.18
N ALA A 59 21.30 -11.24 -17.62
CA ALA A 59 20.04 -11.81 -18.09
C ALA A 59 19.08 -10.65 -18.25
N SER A 60 18.19 -10.71 -19.24
CA SER A 60 17.27 -9.61 -19.46
C SER A 60 15.90 -9.81 -18.81
N VAL A 61 15.26 -8.69 -18.48
CA VAL A 61 13.96 -8.69 -17.85
C VAL A 61 12.92 -8.13 -18.82
N PRO A 62 11.74 -8.77 -18.90
CA PRO A 62 10.69 -8.29 -19.79
C PRO A 62 10.12 -6.95 -19.34
N VAL A 63 9.74 -6.11 -20.29
CA VAL A 63 9.18 -4.82 -19.95
C VAL A 63 7.83 -4.55 -20.58
N GLY A 64 6.90 -4.12 -19.74
CA GLY A 64 5.56 -3.80 -20.19
C GLY A 64 5.35 -2.30 -20.11
N GLU A 65 4.26 -1.83 -20.70
CA GLU A 65 3.94 -0.41 -20.70
C GLU A 65 2.48 -0.21 -20.31
N LEU A 66 2.20 0.84 -19.56
CA LEU A 66 0.83 1.11 -19.13
C LEU A 66 0.48 2.59 -19.18
N ASP A 67 -0.36 2.97 -20.14
CA ASP A 67 -0.79 4.35 -20.24
C ASP A 67 -2.10 4.47 -19.49
N ILE A 68 -2.01 4.64 -18.17
CA ILE A 68 -3.18 4.76 -17.32
C ILE A 68 -4.02 5.98 -17.67
N THR A 69 -4.73 5.89 -18.80
CA THR A 69 -5.59 6.97 -19.24
C THR A 69 -6.99 6.68 -18.70
N LEU A 70 -7.22 5.42 -18.36
CA LEU A 70 -8.49 5.01 -17.82
C LEU A 70 -8.56 5.46 -16.35
N TYR A 71 -8.03 6.64 -16.10
CA TYR A 71 -8.02 7.25 -14.76
C TYR A 71 -9.13 8.30 -14.74
N ARG A 72 -10.26 7.94 -14.14
CA ARG A 72 -11.43 8.82 -14.12
C ARG A 72 -11.59 9.68 -12.88
N ASP A 73 -10.65 10.59 -12.64
CA ASP A 73 -10.76 11.46 -11.47
C ASP A 73 -11.94 12.40 -11.68
N VAL A 91 0.35 -3.05 -25.53
CA VAL A 91 0.87 -4.40 -25.78
C VAL A 91 0.98 -5.22 -24.48
N PRO A 92 0.41 -6.43 -24.47
CA PRO A 92 0.46 -7.31 -23.29
C PRO A 92 1.87 -7.72 -22.89
N PHE A 93 1.96 -8.31 -21.71
CA PHE A 93 3.23 -8.76 -21.15
C PHE A 93 2.96 -9.87 -20.14
N PRO A 94 4.00 -10.55 -19.66
CA PRO A 94 3.87 -11.64 -18.69
C PRO A 94 3.18 -11.21 -17.39
N VAL A 95 2.35 -12.10 -16.82
CA VAL A 95 1.66 -11.77 -15.58
C VAL A 95 1.46 -12.92 -14.60
N THR A 96 0.63 -13.89 -14.98
CA THR A 96 0.37 -15.02 -14.10
C THR A 96 1.64 -15.56 -13.46
N GLU A 97 1.54 -15.79 -12.15
CA GLU A 97 2.62 -16.31 -11.33
C GLU A 97 3.99 -15.69 -11.66
N ARG A 98 3.97 -14.43 -12.11
CA ARG A 98 5.21 -13.71 -12.40
C ARG A 98 5.21 -12.55 -11.40
N ASN A 99 6.37 -12.01 -11.08
CA ASN A 99 6.44 -10.90 -10.13
C ASN A 99 6.42 -9.58 -10.89
N VAL A 100 5.24 -8.96 -10.93
CA VAL A 100 5.08 -7.69 -11.64
C VAL A 100 5.55 -6.50 -10.82
N ILE A 101 6.60 -5.85 -11.30
CA ILE A 101 7.18 -4.70 -10.63
C ILE A 101 6.78 -3.42 -11.35
N LEU A 102 5.79 -2.72 -10.78
CA LEU A 102 5.32 -1.48 -11.36
C LEU A 102 6.37 -0.41 -11.12
N VAL A 103 6.59 0.43 -12.13
CA VAL A 103 7.55 1.50 -12.04
C VAL A 103 6.93 2.84 -12.45
N ASP A 104 7.22 3.86 -11.65
CA ASP A 104 6.71 5.18 -11.91
C ASP A 104 7.73 6.16 -11.35
N ASP A 105 7.78 7.36 -11.91
CA ASP A 105 8.74 8.35 -11.45
C ASP A 105 8.30 9.03 -10.16
N VAL A 106 7.02 9.34 -10.03
CA VAL A 106 6.57 9.97 -8.78
C VAL A 106 5.34 9.34 -8.14
N LEU A 107 5.40 9.20 -6.82
CA LEU A 107 4.33 8.63 -6.03
C LEU A 107 3.76 9.71 -5.11
N PHE A 108 2.48 10.02 -5.30
CA PHE A 108 1.78 11.03 -4.52
C PHE A 108 0.62 10.41 -3.71
N THR A 109 -0.59 10.45 -4.26
CA THR A 109 -1.77 9.90 -3.59
C THR A 109 -1.83 8.38 -3.67
N GLY A 110 -1.26 7.81 -4.72
CA GLY A 110 -1.26 6.37 -4.88
C GLY A 110 -2.45 5.84 -5.67
N ARG A 111 -3.30 6.78 -6.09
CA ARG A 111 -4.48 6.46 -6.86
C ARG A 111 -4.10 5.85 -8.21
N THR A 112 -2.98 6.31 -8.74
CA THR A 112 -2.49 5.80 -10.01
C THR A 112 -1.96 4.38 -9.87
N VAL A 113 -1.33 4.11 -8.74
CA VAL A 113 -0.80 2.79 -8.51
C VAL A 113 -1.97 1.82 -8.37
N ARG A 114 -3.02 2.24 -7.66
CA ARG A 114 -4.18 1.38 -7.49
C ARG A 114 -4.75 0.96 -8.84
N ALA A 115 -4.85 1.92 -9.75
CA ALA A 115 -5.38 1.63 -11.08
C ALA A 115 -4.44 0.62 -11.75
N ALA A 116 -3.15 0.90 -11.71
CA ALA A 116 -2.15 0.01 -12.30
C ALA A 116 -2.35 -1.40 -11.81
N MET A 117 -2.58 -1.55 -10.51
CA MET A 117 -2.81 -2.86 -9.93
C MET A 117 -4.02 -3.50 -10.62
N ASP A 118 -5.14 -2.77 -10.61
CA ASP A 118 -6.38 -3.23 -11.23
C ASP A 118 -6.15 -3.70 -12.64
N ALA A 119 -5.43 -2.89 -13.42
CA ALA A 119 -5.12 -3.22 -14.79
C ALA A 119 -4.34 -4.53 -14.79
N VAL A 120 -3.18 -4.54 -14.16
CA VAL A 120 -2.35 -5.74 -14.10
C VAL A 120 -3.16 -6.99 -13.80
N MET A 121 -3.94 -6.98 -12.73
CA MET A 121 -4.72 -8.17 -12.41
C MET A 121 -5.85 -8.45 -13.37
N ASP A 122 -6.32 -7.42 -14.06
CA ASP A 122 -7.36 -7.65 -15.05
C ASP A 122 -6.71 -8.53 -16.10
N LEU A 123 -5.39 -8.41 -16.21
CA LEU A 123 -4.63 -9.17 -17.20
C LEU A 123 -3.96 -10.46 -16.70
N GLY A 124 -4.51 -11.07 -15.65
CA GLY A 124 -3.91 -12.30 -15.16
C GLY A 124 -3.69 -12.36 -13.66
N ARG A 125 -3.19 -13.51 -13.19
CA ARG A 125 -2.94 -13.74 -11.78
C ARG A 125 -1.46 -13.60 -11.36
N PRO A 126 -1.05 -12.39 -10.95
CA PRO A 126 0.34 -12.16 -10.54
C PRO A 126 0.69 -12.88 -9.24
N ALA A 127 1.92 -13.38 -9.15
CA ALA A 127 2.37 -14.07 -7.94
C ALA A 127 2.55 -13.00 -6.88
N ARG A 128 2.69 -11.76 -7.33
CA ARG A 128 2.83 -10.59 -6.48
C ARG A 128 3.23 -9.39 -7.31
N ILE A 129 2.84 -8.20 -6.86
CA ILE A 129 3.15 -6.96 -7.55
C ILE A 129 3.90 -6.05 -6.59
N GLN A 130 5.00 -5.48 -7.07
CA GLN A 130 5.78 -4.57 -6.24
C GLN A 130 5.76 -3.20 -6.87
N LEU A 131 6.27 -2.21 -6.14
CA LEU A 131 6.30 -0.84 -6.63
C LEU A 131 7.64 -0.14 -6.44
N ALA A 132 8.11 0.49 -7.50
CA ALA A 132 9.38 1.21 -7.46
C ALA A 132 9.15 2.57 -8.07
N VAL A 133 9.52 3.61 -7.33
CA VAL A 133 9.36 4.97 -7.81
C VAL A 133 10.65 5.76 -7.62
N LEU A 134 10.91 6.71 -8.52
CA LEU A 134 12.12 7.50 -8.38
C LEU A 134 11.99 8.37 -7.14
N VAL A 135 10.79 8.88 -6.91
CA VAL A 135 10.56 9.73 -5.75
C VAL A 135 9.21 9.55 -5.12
N ASP A 136 9.18 9.63 -3.79
CA ASP A 136 7.95 9.51 -3.03
C ASP A 136 7.78 10.88 -2.40
N ARG A 137 6.77 11.63 -2.82
CA ARG A 137 6.54 12.95 -2.26
C ARG A 137 5.54 12.93 -1.14
N GLY A 138 5.25 11.74 -0.62
CA GLY A 138 4.31 11.61 0.47
C GLY A 138 2.88 11.99 0.11
N HIS A 139 2.10 12.35 1.12
CA HIS A 139 0.71 12.75 0.96
C HIS A 139 -0.17 11.64 0.39
N ARG A 140 0.08 10.41 0.84
CA ARG A 140 -0.69 9.27 0.39
C ARG A 140 -2.19 9.47 0.65
N GLU A 141 -3.02 8.71 -0.05
CA GLU A 141 -4.48 8.79 0.12
C GLU A 141 -5.09 7.40 0.13
N LEU A 142 -4.21 6.39 0.07
CA LEU A 142 -4.63 5.00 0.08
C LEU A 142 -3.55 4.21 0.80
N PRO A 143 -3.90 3.05 1.36
CA PRO A 143 -2.90 2.23 2.07
C PRO A 143 -1.93 1.62 1.08
N ILE A 144 -1.11 2.48 0.50
CA ILE A 144 -0.14 2.03 -0.48
C ILE A 144 1.25 2.60 -0.20
N ARG A 145 2.26 1.81 -0.56
CA ARG A 145 3.64 2.23 -0.39
C ARG A 145 4.47 1.48 -1.41
N ALA A 146 5.57 2.09 -1.81
CA ALA A 146 6.48 1.46 -2.76
C ALA A 146 7.44 0.53 -2.05
N ASP A 147 7.95 -0.46 -2.78
CA ASP A 147 8.89 -1.40 -2.23
C ASP A 147 10.27 -0.85 -2.46
N PHE A 148 10.40 -0.03 -3.49
CA PHE A 148 11.68 0.59 -3.82
C PHE A 148 11.47 2.08 -4.06
N VAL A 149 12.27 2.89 -3.38
CA VAL A 149 12.16 4.33 -3.49
C VAL A 149 13.50 4.97 -3.79
N GLY A 150 13.52 5.80 -4.83
CA GLY A 150 14.75 6.47 -5.20
C GLY A 150 15.11 7.52 -4.16
N LYS A 151 14.12 8.27 -3.71
CA LYS A 151 14.34 9.31 -2.72
C LYS A 151 13.03 9.88 -2.22
N ASN A 152 12.91 10.05 -0.90
CA ASN A 152 11.71 10.65 -0.37
C ASN A 152 11.95 12.13 -0.41
N VAL A 153 11.00 12.86 -0.95
CA VAL A 153 11.12 14.31 -1.03
C VAL A 153 9.90 14.89 -0.36
N PRO A 154 10.02 15.25 0.93
CA PRO A 154 8.87 15.81 1.63
C PRO A 154 8.41 17.04 0.87
N THR A 155 7.10 17.25 0.83
CA THR A 155 6.54 18.38 0.09
C THR A 155 5.28 18.92 0.70
N SER A 156 4.88 20.10 0.24
CA SER A 156 3.66 20.72 0.71
C SER A 156 2.60 20.30 -0.31
N ARG A 157 1.34 20.28 0.11
CA ARG A 157 0.25 19.88 -0.79
C ARG A 157 0.26 20.76 -2.04
N SER A 158 0.63 22.03 -1.86
CA SER A 158 0.67 22.98 -2.96
C SER A 158 1.78 22.65 -3.97
N GLU A 159 3.00 22.50 -3.47
CA GLU A 159 4.18 22.21 -4.30
C GLU A 159 4.02 21.10 -5.35
N LEU A 160 4.86 21.18 -6.38
CA LEU A 160 4.83 20.20 -7.46
C LEU A 160 6.23 19.65 -7.75
N ILE A 161 6.35 18.34 -7.85
CA ILE A 161 7.63 17.72 -8.15
C ILE A 161 7.75 17.51 -9.66
N VAL A 162 8.86 17.96 -10.24
CA VAL A 162 9.07 17.78 -11.67
C VAL A 162 10.27 16.90 -11.95
N VAL A 163 9.99 15.75 -12.56
CA VAL A 163 11.01 14.79 -12.91
C VAL A 163 11.31 14.95 -14.38
N GLU A 164 12.53 15.31 -14.71
CA GLU A 164 12.89 15.45 -16.12
C GLU A 164 13.79 14.28 -16.47
N LEU A 165 13.50 13.62 -17.58
CA LEU A 165 14.29 12.49 -18.03
C LEU A 165 14.79 12.72 -19.44
N SER A 166 16.10 12.57 -19.64
CA SER A 166 16.70 12.79 -20.95
C SER A 166 15.90 12.25 -22.14
N GLU A 167 15.42 11.01 -22.06
CA GLU A 167 14.65 10.44 -23.17
C GLU A 167 13.47 11.30 -23.63
N VAL A 168 13.01 12.21 -22.77
CA VAL A 168 11.87 13.06 -23.11
C VAL A 168 12.08 14.55 -22.84
N ASP A 169 12.82 14.86 -21.79
CA ASP A 169 13.03 16.24 -21.42
C ASP A 169 14.41 16.78 -21.75
N GLY A 170 15.23 15.95 -22.39
CA GLY A 170 16.57 16.39 -22.76
C GLY A 170 17.59 16.19 -21.68
N ILE A 171 17.15 16.16 -20.41
CA ILE A 171 18.10 15.96 -19.31
C ILE A 171 17.47 15.28 -18.10
N ASP A 172 18.33 14.74 -17.25
CA ASP A 172 17.87 14.09 -16.03
C ASP A 172 17.98 15.04 -14.85
N GLN A 173 16.84 15.35 -14.26
CA GLN A 173 16.81 16.25 -13.11
C GLN A 173 15.46 16.26 -12.42
N VAL A 174 15.48 16.26 -11.09
CA VAL A 174 14.26 16.33 -10.31
C VAL A 174 14.27 17.65 -9.58
N SER A 175 13.12 18.33 -9.56
CA SER A 175 13.03 19.62 -8.90
C SER A 175 11.69 19.89 -8.24
N ILE A 176 11.69 20.84 -7.31
CA ILE A 176 10.47 21.23 -6.61
C ILE A 176 10.08 22.61 -7.11
N HIS A 177 8.82 22.77 -7.49
CA HIS A 177 8.32 24.05 -7.97
C HIS A 177 7.23 24.51 -7.02
N GLU A 178 7.10 25.82 -6.85
CA GLU A 178 6.09 26.39 -5.98
C GLU A 178 5.32 27.46 -6.74
N LYS A 179 4.11 27.74 -6.30
CA LYS A 179 3.31 28.78 -6.96
C LYS A 179 3.60 30.17 -6.39
N MET B 1 -0.20 -27.47 16.41
CA MET B 1 0.61 -27.07 17.61
C MET B 1 0.73 -25.55 17.72
N GLN B 2 0.22 -25.00 18.82
CA GLN B 2 0.26 -23.57 19.07
C GLN B 2 1.67 -23.18 19.52
N LYS B 3 2.47 -22.62 18.62
CA LYS B 3 3.84 -22.22 18.95
C LYS B 3 3.92 -21.31 20.16
N ALA B 4 2.95 -20.41 20.32
CA ALA B 4 2.93 -19.47 21.45
C ALA B 4 1.60 -18.74 21.63
N VAL B 5 1.70 -17.70 22.46
CA VAL B 5 0.74 -16.57 22.52
C VAL B 5 1.50 -15.24 22.31
N VAL B 6 1.16 -14.48 21.25
CA VAL B 6 1.84 -13.22 20.95
C VAL B 6 1.08 -12.00 21.45
N MET B 7 -0.19 -12.16 21.78
CA MET B 7 -1.00 -11.05 22.29
C MET B 7 -2.14 -11.52 23.19
N ASP B 8 -2.22 -10.99 24.40
CA ASP B 8 -3.33 -11.38 25.30
C ASP B 8 -4.30 -10.22 25.50
N GLU B 9 -5.39 -10.48 26.21
CA GLU B 9 -6.40 -9.46 26.45
C GLU B 9 -5.81 -8.10 26.78
N GLN B 10 -4.70 -8.09 27.49
CA GLN B 10 -4.10 -6.81 27.86
C GLN B 10 -3.37 -6.12 26.71
N ALA B 11 -2.61 -6.88 25.92
CA ALA B 11 -1.90 -6.30 24.80
C ALA B 11 -2.94 -5.71 23.83
N ILE B 12 -3.95 -6.51 23.52
CA ILE B 12 -5.02 -6.11 22.62
C ILE B 12 -5.73 -4.87 23.11
N ARG B 13 -6.03 -4.83 24.40
CA ARG B 13 -6.73 -3.69 24.98
C ARG B 13 -5.93 -2.43 24.70
N ARG B 14 -4.63 -2.50 24.93
CA ARG B 14 -3.76 -1.36 24.70
C ARG B 14 -3.69 -1.01 23.22
N ALA B 15 -3.28 -1.99 22.40
CA ALA B 15 -3.15 -1.77 20.96
C ALA B 15 -4.32 -0.95 20.38
N LEU B 16 -5.55 -1.36 20.69
CA LEU B 16 -6.73 -0.67 20.19
C LEU B 16 -6.91 0.74 20.75
N THR B 17 -6.63 0.92 22.04
CA THR B 17 -6.79 2.24 22.61
C THR B 17 -5.78 3.15 21.93
N ARG B 18 -4.59 2.63 21.68
CA ARG B 18 -3.56 3.41 21.02
C ARG B 18 -4.02 3.80 19.63
N ILE B 19 -4.39 2.79 18.84
CA ILE B 19 -4.88 3.00 17.49
C ILE B 19 -6.03 4.00 17.49
N ALA B 20 -6.90 3.92 18.48
CA ALA B 20 -8.02 4.84 18.57
C ALA B 20 -7.52 6.28 18.67
N HIS B 21 -6.56 6.50 19.57
CA HIS B 21 -5.99 7.82 19.73
C HIS B 21 -5.22 8.18 18.46
N GLU B 22 -4.56 7.17 17.88
CA GLU B 22 -3.77 7.33 16.68
C GLU B 22 -4.61 7.85 15.51
N ILE B 23 -5.74 7.19 15.29
CA ILE B 23 -6.66 7.55 14.22
C ILE B 23 -7.11 9.00 14.37
N ILE B 24 -7.52 9.36 15.58
CA ILE B 24 -7.98 10.70 15.88
C ILE B 24 -6.88 11.72 15.59
N GLU B 25 -5.72 11.50 16.19
CA GLU B 25 -4.59 12.40 15.99
C GLU B 25 -4.20 12.55 14.52
N ARG B 26 -4.28 11.46 13.76
CA ARG B 26 -3.88 11.49 12.36
C ARG B 26 -4.86 12.21 11.43
N ASN B 27 -6.09 12.41 11.85
CA ASN B 27 -7.07 13.09 11.02
C ASN B 27 -7.50 14.39 11.70
N LYS B 28 -6.74 14.77 12.73
CA LYS B 28 -7.00 16.00 13.47
C LYS B 28 -8.46 16.11 13.91
N GLY B 29 -9.07 14.97 14.24
CA GLY B 29 -10.46 14.95 14.65
C GLY B 29 -11.15 13.86 13.84
N ILE B 30 -12.05 13.11 14.46
CA ILE B 30 -12.74 12.04 13.74
C ILE B 30 -13.81 12.51 12.78
N ASP B 31 -14.05 13.82 12.78
CA ASP B 31 -15.04 14.38 11.89
C ASP B 31 -14.74 13.94 10.46
N GLY B 32 -15.75 13.44 9.77
CA GLY B 32 -15.57 12.99 8.40
C GLY B 32 -15.05 11.58 8.29
N CYS B 33 -14.65 11.00 9.43
CA CYS B 33 -14.12 9.66 9.45
C CYS B 33 -15.20 8.60 9.56
N VAL B 34 -14.86 7.42 9.05
CA VAL B 34 -15.77 6.29 9.04
C VAL B 34 -14.98 5.00 9.21
N LEU B 35 -15.59 4.02 9.86
CA LEU B 35 -14.94 2.74 10.05
C LEU B 35 -15.62 1.66 9.23
N VAL B 36 -14.84 0.77 8.66
CA VAL B 36 -15.38 -0.30 7.84
C VAL B 36 -14.61 -1.58 8.10
N GLY B 37 -15.22 -2.47 8.87
CA GLY B 37 -14.58 -3.72 9.21
C GLY B 37 -14.66 -4.70 8.07
N ILE B 38 -13.64 -5.53 7.94
CA ILE B 38 -13.54 -6.54 6.89
C ILE B 38 -13.77 -7.92 7.51
N LYS B 39 -14.90 -8.53 7.18
CA LYS B 39 -15.30 -9.85 7.70
C LYS B 39 -15.80 -9.71 9.13
N THR B 40 -16.00 -10.85 9.80
CA THR B 40 -16.52 -10.83 11.15
C THR B 40 -15.65 -10.18 12.22
N ARG B 41 -14.43 -10.67 12.39
CA ARG B 41 -13.55 -10.11 13.42
C ARG B 41 -13.14 -8.69 13.06
N GLY B 42 -13.12 -8.39 11.77
CA GLY B 42 -12.76 -7.07 11.31
C GLY B 42 -13.83 -6.08 11.73
N ILE B 43 -15.08 -6.54 11.74
CA ILE B 43 -16.20 -5.69 12.12
C ILE B 43 -16.22 -5.43 13.62
N TYR B 44 -15.95 -6.46 14.41
CA TYR B 44 -15.92 -6.31 15.86
C TYR B 44 -14.79 -5.35 16.23
N LEU B 45 -13.64 -5.53 15.60
CA LEU B 45 -12.53 -4.65 15.87
C LEU B 45 -12.92 -3.22 15.55
N ALA B 46 -13.72 -3.05 14.50
CA ALA B 46 -14.15 -1.73 14.13
C ALA B 46 -15.03 -1.14 15.23
N ARG B 47 -15.97 -1.94 15.73
CA ARG B 47 -16.88 -1.48 16.77
C ARG B 47 -16.16 -1.07 18.05
N ARG B 48 -15.13 -1.82 18.41
CA ARG B 48 -14.39 -1.48 19.61
C ARG B 48 -13.77 -0.09 19.44
N LEU B 49 -13.15 0.14 18.28
CA LEU B 49 -12.54 1.43 17.99
C LEU B 49 -13.56 2.56 18.03
N ALA B 50 -14.70 2.34 17.39
CA ALA B 50 -15.77 3.32 17.37
C ALA B 50 -16.15 3.67 18.79
N GLU B 51 -16.28 2.66 19.62
CA GLU B 51 -16.64 2.89 21.01
C GLU B 51 -15.60 3.74 21.71
N ARG B 52 -14.33 3.35 21.62
CA ARG B 52 -13.25 4.09 22.26
C ARG B 52 -13.17 5.53 21.76
N ILE B 53 -13.13 5.70 20.43
CA ILE B 53 -13.06 7.02 19.85
C ILE B 53 -14.15 7.88 20.47
N GLU B 54 -15.34 7.29 20.62
CA GLU B 54 -16.46 8.01 21.22
C GLU B 54 -16.12 8.36 22.66
N GLN B 55 -15.71 7.35 23.42
CA GLN B 55 -15.34 7.56 24.80
C GLN B 55 -14.31 8.69 24.86
N ILE B 56 -13.41 8.70 23.87
CA ILE B 56 -12.36 9.72 23.79
C ILE B 56 -12.87 11.09 23.35
N GLU B 57 -13.18 11.25 22.07
CA GLU B 57 -13.62 12.53 21.54
C GLU B 57 -15.07 12.90 21.87
N GLY B 58 -15.87 11.90 22.24
CA GLY B 58 -17.26 12.18 22.58
C GLY B 58 -18.22 11.96 21.42
N ALA B 59 -17.80 12.35 20.22
CA ALA B 59 -18.65 12.18 19.04
C ALA B 59 -18.71 10.69 18.68
N SER B 60 -19.45 10.37 17.62
CA SER B 60 -19.58 8.97 17.20
C SER B 60 -19.10 8.76 15.77
N VAL B 61 -18.52 7.60 15.50
CA VAL B 61 -18.05 7.33 14.16
C VAL B 61 -18.84 6.17 13.55
N PRO B 62 -19.39 6.38 12.36
CA PRO B 62 -20.16 5.30 11.73
C PRO B 62 -19.31 4.05 11.54
N VAL B 63 -19.95 2.89 11.55
CA VAL B 63 -19.26 1.63 11.37
C VAL B 63 -20.02 0.82 10.32
N GLY B 64 -19.35 0.55 9.20
CA GLY B 64 -19.97 -0.20 8.15
C GLY B 64 -19.35 -1.57 8.13
N GLU B 65 -20.04 -2.54 7.53
CA GLU B 65 -19.55 -3.91 7.44
C GLU B 65 -19.29 -4.25 5.99
N LEU B 66 -18.29 -5.09 5.76
CA LEU B 66 -17.94 -5.48 4.40
C LEU B 66 -17.49 -6.93 4.33
N ASP B 67 -18.08 -7.68 3.41
CA ASP B 67 -17.70 -9.07 3.24
C ASP B 67 -16.86 -9.26 1.99
N ILE B 68 -15.83 -10.09 2.09
CA ILE B 68 -14.95 -10.36 0.95
C ILE B 68 -14.91 -11.83 0.57
N THR B 69 -15.94 -12.26 -0.17
CA THR B 69 -16.09 -13.63 -0.66
C THR B 69 -16.80 -13.50 -1.99
N LEU B 70 -17.42 -12.32 -2.18
CA LEU B 70 -18.13 -11.97 -3.41
C LEU B 70 -17.08 -11.21 -4.23
N TYR B 71 -16.00 -10.84 -3.53
CA TYR B 71 -14.87 -10.11 -4.11
C TYR B 71 -13.59 -10.97 -4.00
N ARG B 72 -13.60 -11.90 -3.03
CA ARG B 72 -12.50 -12.81 -2.77
C ARG B 72 -11.09 -12.22 -2.90
N VAL B 91 -30.65 2.26 4.56
CA VAL B 91 -29.65 2.71 5.52
C VAL B 91 -28.27 2.90 4.86
N PRO B 92 -28.21 3.76 3.83
CA PRO B 92 -27.00 4.09 3.07
C PRO B 92 -25.80 4.38 3.95
N PHE B 93 -24.65 3.82 3.61
CA PHE B 93 -23.46 4.05 4.40
C PHE B 93 -22.50 5.08 3.80
N PRO B 94 -22.18 6.14 4.55
CA PRO B 94 -21.28 7.23 4.14
C PRO B 94 -19.96 6.72 3.57
N VAL B 95 -19.53 7.28 2.43
CA VAL B 95 -18.29 6.85 1.79
C VAL B 95 -17.53 8.01 1.09
N THR B 96 -18.34 8.69 0.20
CA THR B 96 -17.89 9.74 -0.71
C THR B 96 -17.48 10.95 0.10
N GLU B 97 -16.23 11.35 -0.09
CA GLU B 97 -15.63 12.49 0.62
C GLU B 97 -15.40 12.21 2.11
N ARG B 98 -15.58 10.97 2.51
CA ARG B 98 -15.33 10.60 3.89
C ARG B 98 -13.93 10.04 3.99
N ASN B 99 -13.45 9.88 5.21
CA ASN B 99 -12.14 9.30 5.44
C ASN B 99 -12.44 7.84 5.76
N VAL B 100 -12.26 6.96 4.79
CA VAL B 100 -12.57 5.54 5.01
C VAL B 100 -11.45 4.75 5.67
N ILE B 101 -11.71 4.33 6.89
CA ILE B 101 -10.75 3.56 7.64
C ILE B 101 -11.11 2.07 7.66
N LEU B 102 -10.50 1.30 6.78
CA LEU B 102 -10.74 -0.13 6.74
C LEU B 102 -10.19 -0.72 8.03
N VAL B 103 -10.89 -1.71 8.57
CA VAL B 103 -10.41 -2.35 9.79
C VAL B 103 -10.43 -3.85 9.58
N ASP B 104 -9.28 -4.47 9.82
CA ASP B 104 -9.16 -5.91 9.65
C ASP B 104 -8.30 -6.46 10.78
N ASP B 105 -8.42 -7.74 11.08
CA ASP B 105 -7.65 -8.33 12.17
C ASP B 105 -6.23 -8.71 11.78
N VAL B 106 -6.03 -9.21 10.57
CA VAL B 106 -4.69 -9.57 10.14
C VAL B 106 -4.35 -9.11 8.73
N LEU B 107 -3.18 -8.49 8.58
CA LEU B 107 -2.72 -8.08 7.26
C LEU B 107 -1.69 -9.13 6.90
N PHE B 108 -1.95 -9.83 5.80
CA PHE B 108 -1.04 -10.87 5.35
C PHE B 108 -0.47 -10.52 3.98
N THR B 109 -1.06 -11.07 2.91
CA THR B 109 -0.59 -10.80 1.55
C THR B 109 -1.08 -9.45 1.04
N GLY B 110 -2.09 -8.90 1.69
CA GLY B 110 -2.65 -7.63 1.27
C GLY B 110 -3.74 -7.75 0.21
N ARG B 111 -3.88 -8.95 -0.34
CA ARG B 111 -4.87 -9.19 -1.38
C ARG B 111 -6.30 -8.88 -0.96
N THR B 112 -6.61 -9.09 0.32
CA THR B 112 -7.94 -8.84 0.83
C THR B 112 -8.24 -7.35 0.87
N VAL B 113 -7.24 -6.58 1.30
CA VAL B 113 -7.37 -5.14 1.36
C VAL B 113 -7.63 -4.58 -0.03
N ARG B 114 -6.93 -5.15 -1.02
CA ARG B 114 -7.11 -4.68 -2.38
C ARG B 114 -8.58 -4.83 -2.80
N ALA B 115 -9.17 -5.98 -2.53
CA ALA B 115 -10.56 -6.20 -2.89
C ALA B 115 -11.44 -5.19 -2.13
N ALA B 116 -11.14 -5.00 -0.85
CA ALA B 116 -11.90 -4.07 -0.02
C ALA B 116 -11.87 -2.64 -0.59
N MET B 117 -10.73 -2.21 -1.12
CA MET B 117 -10.64 -0.88 -1.70
C MET B 117 -11.56 -0.87 -2.90
N ASP B 118 -11.36 -1.81 -3.81
CA ASP B 118 -12.20 -1.92 -4.99
C ASP B 118 -13.65 -1.76 -4.55
N ALA B 119 -14.01 -2.47 -3.50
CA ALA B 119 -15.37 -2.35 -2.99
C ALA B 119 -15.64 -0.87 -2.73
N VAL B 120 -15.06 -0.35 -1.67
CA VAL B 120 -15.24 1.05 -1.30
C VAL B 120 -15.33 2.03 -2.46
N MET B 121 -14.32 2.03 -3.34
CA MET B 121 -14.34 2.97 -4.45
C MET B 121 -15.33 2.69 -5.56
N ASP B 122 -15.98 1.54 -5.49
CA ASP B 122 -16.99 1.18 -6.48
C ASP B 122 -18.33 1.74 -6.01
N LEU B 123 -18.48 1.87 -4.70
CA LEU B 123 -19.70 2.40 -4.12
C LEU B 123 -19.73 3.92 -4.18
N GLY B 124 -18.60 4.54 -3.85
CA GLY B 124 -18.50 5.98 -3.86
C GLY B 124 -17.07 6.49 -4.03
N ARG B 125 -16.90 7.81 -3.87
CA ARG B 125 -15.59 8.44 -4.00
C ARG B 125 -15.13 8.99 -2.66
N PRO B 126 -14.36 8.20 -1.91
CA PRO B 126 -13.87 8.68 -0.60
C PRO B 126 -12.72 9.67 -0.72
N ALA B 127 -12.63 10.58 0.25
CA ALA B 127 -11.57 11.57 0.29
C ALA B 127 -10.23 10.84 0.42
N ARG B 128 -10.22 9.76 1.18
CA ARG B 128 -9.03 8.95 1.41
C ARG B 128 -9.40 7.62 2.08
N ILE B 129 -8.58 6.60 1.88
CA ILE B 129 -8.86 5.31 2.51
C ILE B 129 -7.68 4.88 3.35
N GLN B 130 -7.93 4.55 4.61
CA GLN B 130 -6.88 4.11 5.51
C GLN B 130 -7.12 2.71 6.04
N LEU B 131 -6.04 1.98 6.30
CA LEU B 131 -6.15 0.63 6.81
C LEU B 131 -5.60 0.49 8.20
N ALA B 132 -6.36 -0.19 9.04
CA ALA B 132 -5.95 -0.44 10.42
C ALA B 132 -6.13 -1.93 10.70
N VAL B 133 -5.09 -2.56 11.22
CA VAL B 133 -5.15 -3.98 11.53
C VAL B 133 -4.59 -4.25 12.91
N LEU B 134 -5.01 -5.36 13.50
CA LEU B 134 -4.54 -5.73 14.82
C LEU B 134 -3.11 -6.23 14.69
N VAL B 135 -2.87 -7.07 13.69
CA VAL B 135 -1.53 -7.58 13.46
C VAL B 135 -1.19 -7.57 11.98
N ASP B 136 0.11 -7.50 11.70
CA ASP B 136 0.64 -7.50 10.35
C ASP B 136 1.73 -8.55 10.38
N ARG B 137 1.49 -9.70 9.75
CA ARG B 137 2.46 -10.78 9.75
C ARG B 137 3.41 -10.76 8.58
N GLY B 138 3.35 -9.69 7.79
CA GLY B 138 4.24 -9.61 6.65
C GLY B 138 3.86 -10.50 5.51
N HIS B 139 4.82 -10.69 4.60
CA HIS B 139 4.64 -11.51 3.42
C HIS B 139 3.65 -10.82 2.48
N ARG B 140 3.83 -9.52 2.31
CA ARG B 140 2.96 -8.74 1.44
C ARG B 140 3.19 -9.21 0.01
N GLU B 141 2.13 -9.24 -0.79
CA GLU B 141 2.25 -9.64 -2.20
C GLU B 141 1.76 -8.49 -3.07
N LEU B 142 1.45 -7.37 -2.41
CA LEU B 142 0.99 -6.15 -3.08
C LEU B 142 1.59 -4.95 -2.38
N PRO B 143 1.70 -3.81 -3.07
CA PRO B 143 2.28 -2.62 -2.44
C PRO B 143 1.27 -1.98 -1.47
N ILE B 144 0.86 -2.75 -0.47
CA ILE B 144 -0.10 -2.30 0.52
C ILE B 144 0.46 -2.30 1.95
N ARG B 145 0.12 -1.28 2.72
CA ARG B 145 0.60 -1.19 4.09
C ARG B 145 -0.46 -0.54 4.98
N ALA B 146 -0.54 -0.99 6.22
CA ALA B 146 -1.50 -0.42 7.14
C ALA B 146 -1.04 0.96 7.59
N ASP B 147 -2.00 1.81 7.92
CA ASP B 147 -1.72 3.15 8.40
C ASP B 147 -1.56 3.03 9.91
N PHE B 148 -2.30 2.08 10.49
CA PHE B 148 -2.26 1.84 11.91
C PHE B 148 -2.14 0.35 12.13
N VAL B 149 -1.22 -0.04 13.00
CA VAL B 149 -0.97 -1.45 13.25
C VAL B 149 -0.95 -1.83 14.72
N GLY B 150 -1.82 -2.75 15.11
CA GLY B 150 -1.80 -3.18 16.50
C GLY B 150 -0.42 -3.71 16.84
N LYS B 151 0.05 -4.70 16.08
CA LYS B 151 1.34 -5.27 16.35
C LYS B 151 1.91 -6.08 15.19
N ASN B 152 3.20 -5.90 14.94
CA ASN B 152 3.90 -6.62 13.90
C ASN B 152 4.34 -7.96 14.49
N VAL B 153 4.01 -9.04 13.80
CA VAL B 153 4.38 -10.37 14.24
C VAL B 153 5.01 -11.10 13.07
N PRO B 154 6.35 -11.04 12.95
CA PRO B 154 7.05 -11.70 11.84
C PRO B 154 6.67 -13.17 11.87
N THR B 155 6.55 -13.78 10.70
CA THR B 155 6.14 -15.18 10.62
C THR B 155 6.77 -15.91 9.45
N SER B 156 6.66 -17.23 9.48
CA SER B 156 7.15 -18.05 8.38
C SER B 156 5.94 -18.26 7.48
N ARG B 157 6.19 -18.52 6.19
CA ARG B 157 5.10 -18.73 5.25
C ARG B 157 4.20 -19.85 5.74
N SER B 158 4.81 -20.85 6.38
CA SER B 158 4.06 -22.00 6.89
C SER B 158 3.14 -21.62 8.04
N GLU B 159 3.70 -20.98 9.07
CA GLU B 159 2.96 -20.58 10.26
C GLU B 159 1.60 -19.91 10.03
N LEU B 160 0.75 -20.00 11.05
CA LEU B 160 -0.59 -19.42 10.98
C LEU B 160 -0.89 -18.57 12.22
N ILE B 161 -1.38 -17.35 12.00
CA ILE B 161 -1.72 -16.47 13.11
C ILE B 161 -3.18 -16.66 13.47
N VAL B 162 -3.46 -16.87 14.75
CA VAL B 162 -4.84 -17.02 15.18
C VAL B 162 -5.27 -15.92 16.14
N VAL B 163 -6.21 -15.11 15.67
CA VAL B 163 -6.74 -14.02 16.46
C VAL B 163 -8.05 -14.47 17.07
N GLU B 164 -8.11 -14.48 18.40
CA GLU B 164 -9.35 -14.87 19.05
C GLU B 164 -9.95 -13.62 19.67
N LEU B 165 -11.24 -13.39 19.44
CA LEU B 165 -11.92 -12.23 19.99
C LEU B 165 -13.12 -12.67 20.81
N SER B 166 -13.23 -12.17 22.03
CA SER B 166 -14.32 -12.55 22.92
C SER B 166 -15.70 -12.63 22.26
N GLU B 167 -16.07 -11.63 21.48
CA GLU B 167 -17.38 -11.64 20.81
C GLU B 167 -17.66 -12.92 20.01
N VAL B 168 -16.62 -13.66 19.66
CA VAL B 168 -16.80 -14.88 18.88
C VAL B 168 -16.06 -16.09 19.41
N ASP B 169 -14.89 -15.86 19.98
CA ASP B 169 -14.07 -16.97 20.47
C ASP B 169 -14.06 -17.11 21.99
N GLY B 170 -14.85 -16.28 22.66
CA GLY B 170 -14.91 -16.35 24.11
C GLY B 170 -13.83 -15.56 24.80
N ILE B 171 -12.71 -15.31 24.13
CA ILE B 171 -11.62 -14.56 24.74
C ILE B 171 -10.75 -13.82 23.74
N ASP B 172 -10.02 -12.84 24.23
CA ASP B 172 -9.13 -12.06 23.38
C ASP B 172 -7.70 -12.58 23.50
N GLN B 173 -7.17 -13.06 22.39
CA GLN B 173 -5.82 -13.58 22.37
C GLN B 173 -5.31 -13.84 20.97
N VAL B 174 -4.06 -13.47 20.72
CA VAL B 174 -3.45 -13.71 19.41
C VAL B 174 -2.33 -14.73 19.63
N SER B 175 -2.22 -15.67 18.72
CA SER B 175 -1.21 -16.70 18.86
C SER B 175 -0.65 -17.20 17.53
N ILE B 176 0.52 -17.83 17.60
CA ILE B 176 1.17 -18.36 16.42
C ILE B 176 1.11 -19.88 16.52
N HIS B 177 0.66 -20.52 15.44
CA HIS B 177 0.55 -21.97 15.40
C HIS B 177 1.47 -22.47 14.30
N GLU B 178 2.02 -23.65 14.49
CA GLU B 178 2.91 -24.24 13.51
C GLU B 178 2.34 -25.62 13.17
N LYS B 179 2.41 -26.00 11.90
CA LYS B 179 1.88 -27.28 11.46
C LYS B 179 2.70 -28.42 12.07
#